data_7AX4
#
_entry.id   7AX4
#
_cell.length_a   50.600
_cell.length_b   48.460
_cell.length_c   121.350
_cell.angle_alpha   90.000
_cell.angle_beta   92.950
_cell.angle_gamma   90.000
#
_symmetry.space_group_name_H-M   'P 1 21 1'
#
loop_
_entity.id
_entity.type
_entity.pdbx_description
1 polymer 'Non-receptor tyrosine-protein kinase TYK2'
2 non-polymer 2-(carbamoylamino)-5-(4-fluorophenyl)thiophene-3-carboxamide
3 non-polymer 'CALCIUM ION'
4 water water
#
_entity_poly.entity_id   1
_entity_poly.type   'polypeptide(L)'
_entity_poly.pdbx_seq_one_letter_code
;NLSQLSFHRVDQKEITQLSHLGQGTRTNVYEGRLRVEGSGDPEEGKMDDEDPLVPGRDRGQELRVVLKVLDPSHHDIALA
FYETASLMSQVSHTHLAFVHGVCVRGPENIMVTEYVEHGPLDVWLRRERGHVPMAWKMVVAQQLASALSYLENKNLVHGN
VCGRNILLARLGLAEGTSPFIKLSDPGVGLGALSREERVERIPWLAPECLPGGANSLSTAMDKWGFGATLLEICFDGEAP
LQSRSPSEKEHFYQRQHRLPEPSCPQLATLTSQCLTYEPTQRPSFRTILRDLTRL
;
_entity_poly.pdbx_strand_id   A,B
#
# COMPACT_ATOMS: atom_id res chain seq x y z
N LEU A 5 -27.26 -7.48 -6.37
CA LEU A 5 -26.21 -8.45 -6.67
C LEU A 5 -26.79 -9.87 -6.84
N SER A 6 -26.61 -10.45 -8.03
CA SER A 6 -27.14 -11.76 -8.41
C SER A 6 -26.07 -12.76 -8.85
N PHE A 7 -25.94 -13.86 -8.10
CA PHE A 7 -25.02 -14.98 -8.34
C PHE A 7 -25.50 -16.22 -7.60
N HIS A 8 -25.17 -17.41 -8.11
CA HIS A 8 -25.56 -18.64 -7.44
C HIS A 8 -24.68 -18.90 -6.22
N ARG A 9 -25.29 -19.39 -5.15
CA ARG A 9 -24.55 -19.76 -3.97
C ARG A 9 -24.29 -21.24 -4.13
N VAL A 10 -23.02 -21.62 -4.02
CA VAL A 10 -22.56 -23.00 -4.14
C VAL A 10 -22.23 -23.49 -2.72
N ASP A 11 -22.80 -24.65 -2.34
CA ASP A 11 -22.53 -25.21 -1.02
C ASP A 11 -21.15 -25.89 -1.05
N GLN A 12 -20.34 -25.73 0.04
CA GLN A 12 -18.99 -26.28 0.15
C GLN A 12 -18.96 -27.81 -0.08
N LYS A 13 -20.07 -28.52 0.22
CA LYS A 13 -20.20 -29.97 0.05
C LYS A 13 -20.15 -30.41 -1.42
N GLU A 14 -20.54 -29.51 -2.33
CA GLU A 14 -20.59 -29.72 -3.77
C GLU A 14 -19.25 -29.50 -4.47
N ILE A 15 -18.24 -28.97 -3.76
CA ILE A 15 -16.95 -28.72 -4.38
C ILE A 15 -15.83 -29.54 -3.74
N THR A 16 -14.84 -29.92 -4.55
CA THR A 16 -13.65 -30.62 -4.11
C THR A 16 -12.47 -29.79 -4.62
N GLN A 17 -11.57 -29.44 -3.71
CA GLN A 17 -10.41 -28.64 -4.08
C GLN A 17 -9.27 -29.55 -4.43
N LEU A 18 -8.69 -29.36 -5.61
CA LEU A 18 -7.53 -30.14 -6.04
C LEU A 18 -6.24 -29.28 -6.02
N SER A 19 -5.35 -29.48 -7.00
CA SER A 19 -4.01 -28.89 -7.03
C SER A 19 -3.98 -27.38 -7.23
N HIS A 20 -2.98 -26.75 -6.60
CA HIS A 20 -2.73 -25.31 -6.72
C HIS A 20 -2.22 -25.02 -8.14
N LEU A 21 -2.86 -24.07 -8.86
CA LEU A 21 -2.51 -23.64 -10.21
C LEU A 21 -1.62 -22.40 -10.19
N GLY A 22 -1.81 -21.59 -9.17
CA GLY A 22 -1.05 -20.38 -9.00
C GLY A 22 -1.80 -19.35 -8.20
N GLN A 23 -1.38 -18.10 -8.31
CA GLN A 23 -1.95 -16.97 -7.62
C GLN A 23 -2.49 -15.91 -8.58
N GLY A 24 -3.61 -15.29 -8.18
CA GLY A 24 -4.23 -14.15 -8.86
C GLY A 24 -4.16 -12.94 -7.94
N THR A 25 -4.94 -11.88 -8.20
CA THR A 25 -4.91 -10.73 -7.28
C THR A 25 -5.69 -11.07 -5.99
N ARG A 26 -4.94 -11.30 -4.89
CA ARG A 26 -5.43 -11.67 -3.55
C ARG A 26 -6.13 -13.01 -3.53
N THR A 27 -5.77 -13.88 -4.47
CA THR A 27 -6.39 -15.21 -4.57
C THR A 27 -5.36 -16.27 -4.72
N ASN A 28 -5.78 -17.49 -4.47
CA ASN A 28 -5.03 -18.70 -4.71
C ASN A 28 -5.94 -19.48 -5.60
N VAL A 29 -5.42 -19.95 -6.72
CA VAL A 29 -6.21 -20.61 -7.76
C VAL A 29 -5.94 -22.11 -7.73
N TYR A 30 -7.01 -22.91 -7.81
CA TYR A 30 -6.91 -24.37 -7.74
C TYR A 30 -7.74 -25.01 -8.78
N GLU A 31 -7.35 -26.22 -9.21
CA GLU A 31 -8.23 -27.02 -10.05
C GLU A 31 -9.19 -27.59 -9.04
N GLY A 32 -10.42 -27.84 -9.46
CA GLY A 32 -11.45 -28.43 -8.60
C GLY A 32 -12.47 -29.27 -9.33
N ARG A 33 -13.45 -29.80 -8.58
CA ARG A 33 -14.59 -30.52 -9.10
C ARG A 33 -15.85 -29.91 -8.49
N LEU A 34 -16.90 -29.77 -9.32
CA LEU A 34 -18.20 -29.28 -8.90
C LEU A 34 -19.22 -30.39 -9.16
N ARG A 35 -19.85 -30.90 -8.08
CA ARG A 35 -20.92 -31.91 -8.11
C ARG A 35 -22.16 -31.23 -8.68
N VAL A 36 -22.77 -31.87 -9.68
CA VAL A 36 -23.95 -31.35 -10.40
C VAL A 36 -25.13 -32.32 -10.21
N GLU A 62 -19.75 -34.84 -11.87
CA GLU A 62 -18.58 -34.05 -11.49
C GLU A 62 -18.06 -33.24 -12.68
N LEU A 63 -18.09 -31.91 -12.55
CA LEU A 63 -17.60 -31.01 -13.57
C LEU A 63 -16.23 -30.47 -13.14
N ARG A 64 -15.25 -30.47 -14.08
CA ARG A 64 -13.90 -29.96 -13.86
C ARG A 64 -14.04 -28.48 -13.80
N VAL A 65 -13.54 -27.83 -12.72
CA VAL A 65 -13.66 -26.36 -12.55
C VAL A 65 -12.39 -25.75 -12.03
N VAL A 66 -12.38 -24.44 -11.92
CA VAL A 66 -11.31 -23.65 -11.32
C VAL A 66 -11.91 -22.97 -10.07
N LEU A 67 -11.19 -23.04 -8.95
CA LEU A 67 -11.60 -22.44 -7.67
C LEU A 67 -10.70 -21.28 -7.35
N LYS A 68 -11.26 -20.07 -7.24
CA LYS A 68 -10.47 -18.87 -6.90
C LYS A 68 -10.76 -18.54 -5.49
N VAL A 69 -9.86 -18.97 -4.63
CA VAL A 69 -10.00 -18.79 -3.19
C VAL A 69 -9.47 -17.42 -2.79
N LEU A 70 -10.38 -16.51 -2.37
CA LEU A 70 -10.01 -15.17 -1.94
C LEU A 70 -9.29 -15.25 -0.59
N ASP A 71 -8.15 -14.54 -0.45
CA ASP A 71 -7.38 -14.47 0.78
C ASP A 71 -8.29 -13.88 1.90
N PRO A 72 -8.02 -14.15 3.22
CA PRO A 72 -8.85 -13.50 4.27
C PRO A 72 -8.67 -12.00 4.07
N SER A 73 -9.81 -11.30 3.88
CA SER A 73 -9.80 -9.88 3.53
C SER A 73 -10.86 -9.09 4.22
N HIS A 74 -10.72 -7.76 4.15
CA HIS A 74 -11.69 -6.78 4.63
C HIS A 74 -12.95 -6.95 3.79
N HIS A 75 -14.12 -6.57 4.34
CA HIS A 75 -15.43 -6.68 3.71
C HIS A 75 -15.48 -6.03 2.33
N ASP A 76 -14.82 -4.88 2.16
CA ASP A 76 -14.76 -4.13 0.90
C ASP A 76 -14.19 -4.95 -0.27
N ILE A 77 -13.15 -5.74 0.01
CA ILE A 77 -12.50 -6.64 -0.97
C ILE A 77 -13.44 -7.78 -1.33
N ALA A 78 -14.07 -8.42 -0.29
CA ALA A 78 -15.03 -9.52 -0.48
C ALA A 78 -16.25 -9.03 -1.24
N LEU A 79 -16.70 -7.77 -1.01
CA LEU A 79 -17.82 -7.20 -1.74
C LEU A 79 -17.47 -6.97 -3.22
N ALA A 80 -16.23 -6.49 -3.48
CA ALA A 80 -15.72 -6.31 -4.84
C ALA A 80 -15.59 -7.67 -5.58
N PHE A 81 -15.29 -8.74 -4.84
CA PHE A 81 -15.15 -10.11 -5.35
C PHE A 81 -16.54 -10.62 -5.74
N TYR A 82 -17.57 -10.40 -4.89
CA TYR A 82 -18.95 -10.83 -5.22
C TYR A 82 -19.51 -10.07 -6.44
N GLU A 83 -19.20 -8.75 -6.56
CA GLU A 83 -19.59 -7.87 -7.64
C GLU A 83 -19.11 -8.42 -8.99
N THR A 84 -17.86 -8.96 -9.04
CA THR A 84 -17.35 -9.62 -10.24
C THR A 84 -18.21 -10.87 -10.59
N ALA A 85 -18.49 -11.71 -9.58
CA ALA A 85 -19.33 -12.92 -9.78
C ALA A 85 -20.73 -12.49 -10.25
N SER A 86 -21.27 -11.37 -9.72
CA SER A 86 -22.58 -10.85 -10.10
C SER A 86 -22.60 -10.34 -11.57
N LEU A 87 -21.55 -9.61 -11.96
CA LEU A 87 -21.34 -9.14 -13.34
C LEU A 87 -21.21 -10.31 -14.32
N MET A 88 -20.44 -11.31 -13.97
CA MET A 88 -20.19 -12.47 -14.82
C MET A 88 -21.40 -13.37 -15.00
N SER A 89 -22.37 -13.31 -14.07
CA SER A 89 -23.56 -14.14 -14.07
C SER A 89 -24.67 -13.59 -14.99
N GLN A 90 -24.65 -12.28 -15.30
CA GLN A 90 -25.61 -11.64 -16.21
C GLN A 90 -25.16 -11.64 -17.69
N VAL A 91 -23.94 -12.10 -17.99
CA VAL A 91 -23.45 -12.07 -19.37
C VAL A 91 -23.33 -13.47 -19.91
N SER A 92 -23.30 -13.59 -21.22
CA SER A 92 -23.06 -14.82 -21.97
C SER A 92 -22.33 -14.44 -23.26
N HIS A 93 -21.28 -15.16 -23.56
CA HIS A 93 -20.52 -14.96 -24.78
C HIS A 93 -19.69 -16.19 -25.01
N THR A 94 -19.48 -16.55 -26.30
CA THR A 94 -18.62 -17.68 -26.70
C THR A 94 -17.16 -17.52 -26.14
N HIS A 95 -16.65 -16.26 -26.01
CA HIS A 95 -15.28 -16.01 -25.54
C HIS A 95 -15.18 -15.40 -24.13
N LEU A 96 -16.15 -15.69 -23.26
CA LEU A 96 -16.15 -15.31 -21.85
C LEU A 96 -16.26 -16.59 -21.03
N ALA A 97 -15.27 -16.84 -20.14
CA ALA A 97 -15.22 -18.00 -19.26
C ALA A 97 -16.43 -17.94 -18.34
N PHE A 98 -17.10 -19.08 -18.17
CA PHE A 98 -18.30 -19.19 -17.36
C PHE A 98 -18.00 -19.10 -15.85
N VAL A 99 -18.89 -18.47 -15.06
CA VAL A 99 -18.82 -18.43 -13.60
C VAL A 99 -20.02 -19.24 -13.09
N HIS A 100 -19.79 -20.29 -12.27
CA HIS A 100 -20.87 -21.14 -11.72
C HIS A 100 -21.50 -20.58 -10.47
N GLY A 101 -20.79 -19.71 -9.79
CA GLY A 101 -21.26 -19.10 -8.56
C GLY A 101 -20.15 -18.92 -7.56
N VAL A 102 -20.55 -18.59 -6.31
CA VAL A 102 -19.67 -18.34 -5.18
C VAL A 102 -19.97 -19.31 -4.08
N CYS A 103 -18.91 -19.89 -3.52
CA CYS A 103 -18.95 -20.78 -2.39
C CYS A 103 -18.31 -20.12 -1.18
N VAL A 104 -18.99 -20.20 -0.03
CA VAL A 104 -18.46 -19.72 1.23
C VAL A 104 -18.08 -21.00 2.01
N ARG A 105 -16.78 -21.16 2.30
CA ARG A 105 -16.24 -22.32 3.02
C ARG A 105 -15.53 -21.74 4.21
N GLY A 106 -16.17 -21.85 5.36
CA GLY A 106 -15.72 -21.25 6.61
C GLY A 106 -15.58 -19.75 6.40
N PRO A 107 -14.38 -19.18 6.63
CA PRO A 107 -14.19 -17.73 6.40
C PRO A 107 -13.74 -17.37 4.97
N GLU A 108 -13.69 -18.36 4.05
CA GLU A 108 -13.18 -18.15 2.67
C GLU A 108 -14.24 -17.96 1.59
N ASN A 109 -14.00 -16.98 0.70
CA ASN A 109 -14.89 -16.73 -0.45
C ASN A 109 -14.25 -17.38 -1.65
N ILE A 110 -14.99 -18.26 -2.30
CA ILE A 110 -14.49 -18.99 -3.43
C ILE A 110 -15.39 -18.80 -4.66
N MET A 111 -14.82 -18.26 -5.73
CA MET A 111 -15.54 -18.16 -6.98
C MET A 111 -15.28 -19.45 -7.73
N VAL A 112 -16.35 -20.12 -8.19
CA VAL A 112 -16.24 -21.40 -8.92
C VAL A 112 -16.37 -21.04 -10.41
N THR A 113 -15.32 -21.31 -11.22
CA THR A 113 -15.26 -20.86 -12.62
C THR A 113 -14.90 -21.97 -13.59
N GLU A 114 -15.09 -21.71 -14.88
CA GLU A 114 -14.77 -22.66 -15.94
C GLU A 114 -13.29 -23.06 -15.95
N TYR A 115 -13.04 -24.37 -16.14
CA TYR A 115 -11.69 -24.86 -16.33
C TYR A 115 -11.50 -24.81 -17.87
N VAL A 116 -10.51 -24.05 -18.32
CA VAL A 116 -10.21 -23.93 -19.76
C VAL A 116 -8.88 -24.64 -19.98
N GLU A 117 -8.92 -25.75 -20.74
CA GLU A 117 -7.91 -26.76 -20.95
C GLU A 117 -6.41 -26.35 -20.92
N HIS A 118 -5.95 -25.48 -21.84
CA HIS A 118 -4.54 -25.18 -21.96
C HIS A 118 -4.07 -23.99 -21.10
N GLY A 119 -4.97 -23.41 -20.32
CA GLY A 119 -4.62 -22.36 -19.35
C GLY A 119 -4.28 -20.98 -19.86
N PRO A 120 -3.67 -20.10 -19.02
CA PRO A 120 -3.37 -18.72 -19.45
C PRO A 120 -2.47 -18.59 -20.68
N LEU A 121 -2.82 -17.63 -21.55
CA LEU A 121 -2.15 -17.41 -22.82
C LEU A 121 -0.73 -16.89 -22.67
N ASP A 122 -0.48 -15.96 -21.72
CA ASP A 122 0.88 -15.42 -21.51
C ASP A 122 1.88 -16.55 -21.18
N VAL A 123 1.48 -17.48 -20.27
CA VAL A 123 2.29 -18.62 -19.85
C VAL A 123 2.57 -19.53 -21.07
N TRP A 124 1.50 -19.85 -21.82
CA TRP A 124 1.56 -20.70 -23.01
C TRP A 124 2.50 -20.13 -24.06
N LEU A 125 2.34 -18.84 -24.41
CA LEU A 125 3.19 -18.20 -25.42
C LEU A 125 4.68 -18.21 -25.03
N ARG A 126 5.00 -17.99 -23.74
CA ARG A 126 6.39 -18.00 -23.30
C ARG A 126 7.00 -19.39 -23.34
N ARG A 127 6.22 -20.41 -22.95
CA ARG A 127 6.67 -21.81 -22.94
C ARG A 127 6.72 -22.39 -24.35
N GLU A 128 5.80 -22.01 -25.23
CA GLU A 128 5.72 -22.54 -26.60
C GLU A 128 6.91 -22.11 -27.42
N ARG A 129 7.73 -23.10 -27.86
CA ARG A 129 8.96 -22.90 -28.64
C ARG A 129 8.75 -22.03 -29.89
N GLY A 130 9.57 -20.97 -29.98
CA GLY A 130 9.54 -19.99 -31.05
C GLY A 130 8.38 -19.02 -30.92
N HIS A 131 7.87 -18.54 -32.05
CA HIS A 131 6.70 -17.65 -32.11
C HIS A 131 5.58 -18.37 -32.85
N VAL A 132 4.35 -17.98 -32.58
CA VAL A 132 3.17 -18.55 -33.25
C VAL A 132 2.94 -17.73 -34.54
N PRO A 133 2.28 -18.29 -35.59
CA PRO A 133 2.02 -17.49 -36.80
C PRO A 133 1.22 -16.21 -36.55
N MET A 134 1.41 -15.21 -37.42
CA MET A 134 0.69 -13.93 -37.43
C MET A 134 -0.85 -14.21 -37.52
N ALA A 135 -1.26 -15.16 -38.40
CA ALA A 135 -2.65 -15.54 -38.63
C ALA A 135 -3.32 -16.10 -37.39
N TRP A 136 -2.58 -16.87 -36.56
CA TRP A 136 -3.04 -17.44 -35.29
C TRP A 136 -3.26 -16.29 -34.29
N LYS A 137 -2.30 -15.34 -34.23
CA LYS A 137 -2.38 -14.19 -33.33
C LYS A 137 -3.59 -13.29 -33.66
N MET A 138 -3.90 -13.12 -34.96
CA MET A 138 -5.03 -12.35 -35.46
C MET A 138 -6.38 -12.96 -35.07
N VAL A 139 -6.50 -14.33 -35.09
CA VAL A 139 -7.71 -15.03 -34.68
C VAL A 139 -7.99 -14.77 -33.19
N VAL A 140 -6.99 -14.96 -32.33
CA VAL A 140 -7.05 -14.69 -30.87
C VAL A 140 -7.45 -13.24 -30.63
N ALA A 141 -6.86 -12.30 -31.40
CA ALA A 141 -7.14 -10.86 -31.29
C ALA A 141 -8.61 -10.57 -31.64
N GLN A 142 -9.13 -11.18 -32.74
CA GLN A 142 -10.52 -11.03 -33.19
C GLN A 142 -11.50 -11.57 -32.15
N GLN A 143 -11.19 -12.76 -31.59
CA GLN A 143 -12.01 -13.42 -30.57
C GLN A 143 -12.12 -12.57 -29.31
N LEU A 144 -10.99 -12.01 -28.87
CA LEU A 144 -10.95 -11.13 -27.70
C LEU A 144 -11.74 -9.85 -27.99
N ALA A 145 -11.55 -9.24 -29.20
CA ALA A 145 -12.25 -8.02 -29.66
C ALA A 145 -13.79 -8.24 -29.78
N SER A 146 -14.19 -9.44 -30.16
CA SER A 146 -15.60 -9.80 -30.26
C SER A 146 -16.21 -9.81 -28.81
N ALA A 147 -15.51 -10.43 -27.80
CA ALA A 147 -15.97 -10.45 -26.42
C ALA A 147 -16.07 -9.02 -25.86
N LEU A 148 -15.03 -8.19 -26.09
CA LEU A 148 -15.03 -6.81 -25.60
C LEU A 148 -16.06 -5.93 -26.30
N SER A 149 -16.35 -6.19 -27.59
CA SER A 149 -17.42 -5.51 -28.34
C SER A 149 -18.78 -5.75 -27.66
N TYR A 150 -19.06 -6.99 -27.28
CA TYR A 150 -20.27 -7.41 -26.55
C TYR A 150 -20.40 -6.69 -25.18
N LEU A 151 -19.30 -6.58 -24.42
CA LEU A 151 -19.35 -5.88 -23.12
C LEU A 151 -19.55 -4.39 -23.32
N GLU A 152 -18.95 -3.81 -24.37
CA GLU A 152 -19.09 -2.42 -24.75
C GLU A 152 -20.59 -2.09 -24.99
N ASN A 153 -21.32 -2.98 -25.73
CA ASN A 153 -22.74 -2.82 -26.07
C ASN A 153 -23.67 -2.93 -24.89
N LYS A 154 -23.26 -3.69 -23.89
CA LYS A 154 -23.99 -3.89 -22.62
C LYS A 154 -23.59 -2.81 -21.59
N ASN A 155 -22.60 -1.96 -21.92
CA ASN A 155 -21.97 -0.92 -21.10
C ASN A 155 -21.41 -1.56 -19.81
N LEU A 156 -20.62 -2.62 -19.98
CA LEU A 156 -20.05 -3.36 -18.85
C LEU A 156 -18.55 -3.35 -18.87
N VAL A 157 -17.93 -2.94 -17.76
CA VAL A 157 -16.46 -2.85 -17.64
C VAL A 157 -15.85 -4.19 -17.18
N HIS A 158 -14.80 -4.69 -17.87
CA HIS A 158 -14.09 -5.90 -17.46
C HIS A 158 -13.03 -5.37 -16.48
N GLY A 159 -12.14 -4.51 -16.98
CA GLY A 159 -11.14 -3.83 -16.15
C GLY A 159 -9.90 -4.63 -15.82
N ASN A 160 -9.75 -5.85 -16.40
CA ASN A 160 -8.55 -6.66 -16.16
C ASN A 160 -8.17 -7.44 -17.44
N VAL A 161 -8.11 -6.75 -18.57
CA VAL A 161 -7.79 -7.37 -19.84
C VAL A 161 -6.28 -7.53 -19.92
N CYS A 162 -5.82 -8.79 -20.00
CA CYS A 162 -4.40 -9.16 -20.05
C CYS A 162 -4.24 -10.60 -20.51
N GLY A 163 -3.02 -10.97 -20.94
CA GLY A 163 -2.67 -12.30 -21.43
C GLY A 163 -2.92 -13.40 -20.42
N ARG A 164 -2.67 -13.07 -19.14
CA ARG A 164 -2.93 -13.93 -17.98
C ARG A 164 -4.45 -14.25 -17.86
N ASN A 165 -5.30 -13.31 -18.27
CA ASN A 165 -6.75 -13.53 -18.22
C ASN A 165 -7.33 -14.12 -19.49
N ILE A 166 -6.48 -14.38 -20.52
CA ILE A 166 -6.95 -15.01 -21.74
C ILE A 166 -6.63 -16.51 -21.59
N LEU A 167 -7.62 -17.36 -21.70
CA LEU A 167 -7.39 -18.79 -21.51
C LEU A 167 -7.52 -19.55 -22.78
N LEU A 168 -6.60 -20.51 -23.00
CA LEU A 168 -6.58 -21.29 -24.23
C LEU A 168 -7.45 -22.56 -24.17
N ALA A 169 -8.59 -22.56 -24.86
CA ALA A 169 -9.46 -23.76 -24.89
C ALA A 169 -8.97 -24.79 -25.93
N ARG A 170 -8.52 -24.29 -27.10
CA ARG A 170 -8.01 -25.09 -28.22
C ARG A 170 -6.74 -24.45 -28.74
N LEU A 171 -5.69 -25.26 -28.94
CA LEU A 171 -4.38 -24.82 -29.44
C LEU A 171 -4.40 -24.23 -30.86
N GLY A 172 -5.12 -24.86 -31.78
CA GLY A 172 -5.23 -24.42 -33.17
C GLY A 172 -3.94 -24.28 -33.95
N LEU A 173 -3.01 -25.22 -33.78
CA LEU A 173 -1.71 -25.23 -34.46
C LEU A 173 -1.68 -26.28 -35.59
N ALA A 174 -2.44 -27.38 -35.44
CA ALA A 174 -2.54 -28.44 -36.46
C ALA A 174 -3.31 -27.93 -37.69
N GLU A 175 -3.01 -28.51 -38.88
CA GLU A 175 -3.64 -28.16 -40.16
C GLU A 175 -5.18 -28.24 -40.08
N GLY A 176 -5.84 -27.19 -40.59
CA GLY A 176 -7.30 -27.09 -40.58
C GLY A 176 -7.90 -26.52 -39.31
N THR A 177 -7.16 -26.57 -38.18
CA THR A 177 -7.65 -26.06 -36.89
C THR A 177 -7.31 -24.56 -36.67
N SER A 178 -8.03 -23.93 -35.74
CA SER A 178 -7.83 -22.54 -35.37
C SER A 178 -7.93 -22.40 -33.84
N PRO A 179 -7.20 -21.45 -33.22
CA PRO A 179 -7.28 -21.31 -31.76
C PRO A 179 -8.66 -20.88 -31.25
N PHE A 180 -8.91 -21.13 -29.96
CA PHE A 180 -10.16 -20.76 -29.29
C PHE A 180 -9.85 -20.26 -27.89
N ILE A 181 -10.12 -18.99 -27.64
CA ILE A 181 -9.80 -18.42 -26.33
C ILE A 181 -11.06 -18.13 -25.50
N LYS A 182 -10.88 -17.95 -24.20
CA LYS A 182 -11.96 -17.52 -23.29
C LYS A 182 -11.39 -16.45 -22.37
N LEU A 183 -12.02 -15.27 -22.33
CA LEU A 183 -11.61 -14.19 -21.45
C LEU A 183 -12.19 -14.53 -20.04
N SER A 184 -11.31 -14.67 -19.04
CA SER A 184 -11.75 -14.99 -17.70
C SER A 184 -12.32 -13.78 -17.02
N ASP A 185 -13.02 -14.03 -15.88
CA ASP A 185 -13.60 -12.96 -15.06
C ASP A 185 -12.46 -12.00 -14.60
N PRO A 186 -12.76 -10.72 -14.34
CA PRO A 186 -11.68 -9.80 -13.92
C PRO A 186 -11.09 -10.00 -12.52
N GLY A 187 -11.68 -10.88 -11.69
CA GLY A 187 -11.24 -11.09 -10.31
C GLY A 187 -11.70 -9.95 -9.41
N VAL A 188 -11.01 -9.67 -8.30
CA VAL A 188 -11.40 -8.53 -7.46
C VAL A 188 -11.36 -7.25 -8.31
N GLY A 189 -12.49 -6.55 -8.37
CA GLY A 189 -12.67 -5.31 -9.12
C GLY A 189 -11.62 -4.27 -8.82
N LEU A 190 -11.21 -3.54 -9.88
CA LEU A 190 -10.17 -2.51 -9.87
C LEU A 190 -10.39 -1.42 -8.84
N GLY A 191 -11.64 -1.02 -8.64
CA GLY A 191 -12.03 0.01 -7.68
C GLY A 191 -11.63 -0.28 -6.23
N ALA A 192 -11.46 -1.57 -5.89
CA ALA A 192 -11.09 -1.99 -4.52
C ALA A 192 -9.60 -2.23 -4.32
N LEU A 193 -8.79 -2.21 -5.38
CA LEU A 193 -7.36 -2.49 -5.24
C LEU A 193 -6.52 -1.29 -4.77
N SER A 194 -5.34 -1.58 -4.21
CA SER A 194 -4.41 -0.55 -3.71
C SER A 194 -3.66 0.06 -4.90
N ARG A 195 -3.01 1.24 -4.67
CA ARG A 195 -2.21 1.91 -5.70
C ARG A 195 -1.08 0.97 -6.19
N GLU A 196 -0.50 0.13 -5.26
CA GLU A 196 0.58 -0.83 -5.58
C GLU A 196 0.13 -1.88 -6.54
N GLU A 197 -1.12 -2.33 -6.40
CA GLU A 197 -1.64 -3.37 -7.29
C GLU A 197 -1.95 -2.77 -8.66
N ARG A 198 -2.38 -1.49 -8.71
CA ARG A 198 -2.67 -0.81 -9.98
C ARG A 198 -1.36 -0.59 -10.76
N VAL A 199 -0.27 -0.24 -10.01
CA VAL A 199 1.06 -0.06 -10.59
C VAL A 199 1.57 -1.39 -11.18
N GLU A 200 1.43 -2.52 -10.44
CA GLU A 200 1.82 -3.86 -10.92
C GLU A 200 1.09 -4.23 -12.21
N ARG A 201 -0.10 -3.66 -12.39
CA ARG A 201 -0.96 -3.85 -13.56
C ARG A 201 -0.53 -3.03 -14.79
N ILE A 202 0.46 -2.08 -14.66
CA ILE A 202 1.02 -1.31 -15.80
C ILE A 202 1.83 -2.31 -16.71
N PRO A 203 1.69 -2.38 -18.06
CA PRO A 203 0.97 -1.46 -18.97
C PRO A 203 -0.46 -1.83 -19.35
N TRP A 204 -1.06 -2.87 -18.76
CA TRP A 204 -2.44 -3.25 -19.06
C TRP A 204 -3.44 -2.25 -18.49
N LEU A 205 -3.15 -1.71 -17.30
CA LEU A 205 -3.98 -0.73 -16.64
C LEU A 205 -4.04 0.56 -17.46
N ALA A 206 -5.26 1.08 -17.73
CA ALA A 206 -5.39 2.35 -18.45
C ALA A 206 -4.82 3.50 -17.57
N PRO A 207 -4.16 4.52 -18.13
CA PRO A 207 -3.55 5.57 -17.28
C PRO A 207 -4.51 6.44 -16.46
N GLU A 208 -5.75 6.63 -16.93
CA GLU A 208 -6.77 7.41 -16.19
C GLU A 208 -7.17 6.70 -14.88
N CYS A 209 -6.92 5.36 -14.78
CA CYS A 209 -7.22 4.51 -13.62
C CYS A 209 -6.14 4.51 -12.54
N LEU A 210 -4.94 5.01 -12.84
CA LEU A 210 -3.83 5.04 -11.87
C LEU A 210 -4.15 5.91 -10.58
N PRO A 211 -4.74 7.13 -10.68
CA PRO A 211 -5.00 7.90 -9.43
C PRO A 211 -6.09 7.33 -8.51
N SER A 216 -11.74 7.21 -14.27
CA SER A 216 -13.02 6.63 -13.84
C SER A 216 -13.28 5.23 -14.41
N LEU A 217 -14.34 4.54 -13.91
CA LEU A 217 -14.70 3.19 -14.37
C LEU A 217 -15.56 3.21 -15.67
N SER A 218 -14.89 3.41 -16.80
CA SER A 218 -15.52 3.44 -18.12
C SER A 218 -15.10 2.25 -18.95
N THR A 219 -15.85 1.97 -20.04
CA THR A 219 -15.48 0.89 -20.96
C THR A 219 -14.23 1.28 -21.78
N ALA A 220 -13.89 2.61 -21.83
CA ALA A 220 -12.71 3.15 -22.50
C ALA A 220 -11.42 2.48 -22.01
N MET A 221 -11.37 2.14 -20.70
CA MET A 221 -10.24 1.45 -20.09
C MET A 221 -9.95 0.09 -20.74
N ASP A 222 -11.00 -0.64 -21.22
CA ASP A 222 -10.79 -1.94 -21.85
C ASP A 222 -10.21 -1.83 -23.26
N LYS A 223 -10.30 -0.64 -23.91
CA LYS A 223 -9.65 -0.44 -25.21
C LYS A 223 -8.15 -0.36 -24.98
N TRP A 224 -7.72 0.22 -23.83
CA TRP A 224 -6.30 0.29 -23.47
C TRP A 224 -5.78 -1.11 -23.10
N GLY A 225 -6.51 -1.82 -22.25
CA GLY A 225 -6.17 -3.18 -21.85
C GLY A 225 -6.01 -4.10 -23.06
N PHE A 226 -6.92 -4.00 -24.04
CA PHE A 226 -6.88 -4.78 -25.32
C PHE A 226 -5.59 -4.47 -26.12
N GLY A 227 -5.28 -3.17 -26.24
CA GLY A 227 -4.11 -2.67 -26.95
C GLY A 227 -2.83 -3.22 -26.32
N ALA A 228 -2.75 -3.18 -24.98
CA ALA A 228 -1.61 -3.73 -24.24
C ALA A 228 -1.54 -5.28 -24.39
N THR A 229 -2.68 -5.96 -24.52
CA THR A 229 -2.75 -7.44 -24.68
C THR A 229 -2.29 -7.83 -26.08
N LEU A 230 -2.65 -7.02 -27.10
CA LEU A 230 -2.22 -7.21 -28.49
C LEU A 230 -0.68 -7.20 -28.54
N LEU A 231 -0.02 -6.17 -27.93
CA LEU A 231 1.44 -6.07 -27.86
C LEU A 231 2.03 -7.30 -27.17
N GLU A 232 1.47 -7.67 -26.00
CA GLU A 232 1.90 -8.81 -25.20
C GLU A 232 1.86 -10.12 -26.04
N ILE A 233 0.84 -10.29 -26.85
CA ILE A 233 0.68 -11.45 -27.77
C ILE A 233 1.73 -11.33 -28.90
N CYS A 234 1.89 -10.12 -29.49
CA CYS A 234 2.88 -9.84 -30.55
C CYS A 234 4.28 -10.17 -30.10
N PHE A 235 4.59 -9.90 -28.81
CA PHE A 235 5.90 -10.10 -28.24
C PHE A 235 6.05 -11.45 -27.50
N ASP A 236 5.24 -12.47 -27.91
CA ASP A 236 5.27 -13.86 -27.40
C ASP A 236 5.13 -14.04 -25.87
N GLY A 237 4.18 -13.33 -25.27
CA GLY A 237 3.96 -13.45 -23.83
C GLY A 237 4.80 -12.54 -22.97
N GLU A 238 5.68 -11.73 -23.60
CA GLU A 238 6.55 -10.77 -22.91
C GLU A 238 5.87 -9.42 -22.99
N ALA A 239 5.42 -8.93 -21.87
CA ALA A 239 4.74 -7.64 -21.85
C ALA A 239 5.74 -6.48 -21.84
N PRO A 240 5.42 -5.32 -22.45
CA PRO A 240 6.32 -4.15 -22.34
C PRO A 240 6.47 -3.72 -20.88
N LEU A 241 7.60 -3.07 -20.55
CA LEU A 241 7.93 -2.54 -19.21
C LEU A 241 7.97 -3.63 -18.11
N GLN A 242 8.23 -4.90 -18.51
CA GLN A 242 8.29 -6.07 -17.62
C GLN A 242 9.45 -6.02 -16.65
N SER A 243 10.67 -5.73 -17.15
CA SER A 243 11.88 -5.68 -16.34
C SER A 243 11.94 -4.44 -15.43
N ARG A 244 11.15 -3.40 -15.75
CA ARG A 244 11.13 -2.13 -15.02
C ARG A 244 10.56 -2.25 -13.60
N SER A 245 11.00 -1.31 -12.72
CA SER A 245 10.58 -1.21 -11.32
C SER A 245 9.18 -0.52 -11.22
N PRO A 246 8.49 -0.60 -10.07
CA PRO A 246 7.20 0.09 -9.95
C PRO A 246 7.28 1.61 -10.06
N SER A 247 8.40 2.24 -9.65
CA SER A 247 8.55 3.69 -9.80
C SER A 247 8.82 4.08 -11.28
N GLU A 248 9.48 3.20 -12.04
CA GLU A 248 9.73 3.41 -13.47
C GLU A 248 8.42 3.35 -14.26
N LYS A 249 7.54 2.39 -13.90
CA LYS A 249 6.24 2.19 -14.55
C LYS A 249 5.34 3.41 -14.29
N GLU A 250 5.31 3.88 -13.05
CA GLU A 250 4.54 5.06 -12.65
C GLU A 250 4.99 6.31 -13.42
N HIS A 251 6.30 6.55 -13.48
CA HIS A 251 6.96 7.64 -14.21
C HIS A 251 6.67 7.57 -15.71
N PHE A 252 6.68 6.35 -16.30
CA PHE A 252 6.36 6.13 -17.72
C PHE A 252 4.96 6.73 -18.06
N TYR A 253 3.93 6.43 -17.23
CA TYR A 253 2.56 6.96 -17.40
C TYR A 253 2.49 8.43 -17.01
N GLN A 254 3.30 8.88 -16.02
CA GLN A 254 3.32 10.27 -15.55
C GLN A 254 3.83 11.18 -16.66
N ARG A 255 4.91 10.76 -17.34
CA ARG A 255 5.51 11.47 -18.47
C ARG A 255 4.80 11.12 -19.79
N GLN A 256 3.69 10.37 -19.71
CA GLN A 256 2.86 9.90 -20.81
C GLN A 256 3.68 9.36 -22.02
N HIS A 257 4.74 8.57 -21.73
CA HIS A 257 5.56 7.99 -22.80
C HIS A 257 4.75 6.96 -23.61
N ARG A 258 4.99 6.88 -24.93
CA ARG A 258 4.26 5.97 -25.80
C ARG A 258 4.80 4.54 -25.72
N LEU A 259 3.90 3.55 -25.65
CA LEU A 259 4.28 2.14 -25.59
C LEU A 259 4.86 1.64 -26.92
N PRO A 260 5.71 0.58 -26.94
CA PRO A 260 6.25 0.11 -28.24
C PRO A 260 5.16 -0.30 -29.25
N GLU A 261 5.49 -0.23 -30.52
CA GLU A 261 4.54 -0.60 -31.57
C GLU A 261 4.97 -1.90 -32.25
N PRO A 262 4.04 -2.75 -32.77
CA PRO A 262 4.49 -3.95 -33.50
C PRO A 262 5.10 -3.55 -34.84
N SER A 263 5.80 -4.48 -35.50
CA SER A 263 6.46 -4.16 -36.77
C SER A 263 5.47 -3.89 -37.92
N CYS A 264 4.32 -4.58 -37.93
CA CYS A 264 3.28 -4.45 -38.95
C CYS A 264 2.63 -3.04 -38.87
N PRO A 265 2.74 -2.19 -39.93
CA PRO A 265 2.19 -0.82 -39.83
C PRO A 265 0.68 -0.75 -39.57
N GLN A 266 -0.08 -1.72 -40.13
CA GLN A 266 -1.53 -1.81 -39.99
C GLN A 266 -1.92 -2.08 -38.55
N LEU A 267 -1.20 -3.02 -37.90
CA LEU A 267 -1.35 -3.37 -36.49
C LEU A 267 -0.85 -2.24 -35.60
N ALA A 268 0.27 -1.59 -36.01
CA ALA A 268 0.87 -0.46 -35.29
C ALA A 268 -0.13 0.68 -35.13
N THR A 269 -0.85 1.03 -36.22
CA THR A 269 -1.89 2.06 -36.21
C THR A 269 -2.95 1.73 -35.14
N LEU A 270 -3.47 0.49 -35.13
CA LEU A 270 -4.48 0.06 -34.19
C LEU A 270 -4.02 0.08 -32.73
N THR A 271 -2.88 -0.57 -32.41
CA THR A 271 -2.38 -0.61 -31.02
C THR A 271 -2.09 0.81 -30.50
N SER A 272 -1.49 1.70 -31.33
CA SER A 272 -1.24 3.09 -30.91
C SER A 272 -2.56 3.84 -30.70
N GLN A 273 -3.61 3.58 -31.54
CA GLN A 273 -4.94 4.18 -31.39
C GLN A 273 -5.59 3.75 -30.05
N CYS A 274 -5.47 2.46 -29.69
CA CYS A 274 -5.97 1.89 -28.42
C CYS A 274 -5.20 2.43 -27.22
N LEU A 275 -3.85 2.52 -27.39
CA LEU A 275 -2.93 2.96 -26.37
C LEU A 275 -2.71 4.48 -26.41
N THR A 276 -3.81 5.22 -26.54
CA THR A 276 -3.86 6.69 -26.56
C THR A 276 -4.23 7.09 -25.13
N TYR A 277 -3.49 8.02 -24.57
CA TYR A 277 -3.70 8.46 -23.19
C TYR A 277 -5.09 9.07 -22.96
N GLU A 278 -5.59 9.89 -23.90
CA GLU A 278 -6.93 10.47 -23.82
C GLU A 278 -7.96 9.36 -24.11
N PRO A 279 -8.76 8.93 -23.08
CA PRO A 279 -9.71 7.80 -23.30
C PRO A 279 -10.75 8.00 -24.39
N THR A 280 -11.20 9.25 -24.61
CA THR A 280 -12.22 9.56 -25.63
C THR A 280 -11.69 9.46 -27.07
N GLN A 281 -10.36 9.33 -27.24
CA GLN A 281 -9.71 9.22 -28.55
C GLN A 281 -9.45 7.74 -28.95
N ARG A 282 -9.86 6.80 -28.09
CA ARG A 282 -9.66 5.38 -28.39
C ARG A 282 -10.80 4.87 -29.29
N PRO A 283 -10.52 4.00 -30.28
CA PRO A 283 -11.60 3.55 -31.18
C PRO A 283 -12.58 2.62 -30.49
N SER A 284 -13.81 2.57 -30.99
CA SER A 284 -14.84 1.65 -30.47
C SER A 284 -14.43 0.20 -30.86
N PHE A 285 -14.97 -0.80 -30.16
CA PHE A 285 -14.63 -2.20 -30.47
C PHE A 285 -15.20 -2.64 -31.80
N ARG A 286 -16.22 -1.92 -32.31
CA ARG A 286 -16.82 -2.13 -33.63
C ARG A 286 -15.74 -1.82 -34.68
N THR A 287 -15.04 -0.68 -34.53
CA THR A 287 -13.94 -0.25 -35.40
C THR A 287 -12.76 -1.21 -35.30
N ILE A 288 -12.31 -1.50 -34.06
CA ILE A 288 -11.19 -2.39 -33.76
C ILE A 288 -11.43 -3.74 -34.45
N LEU A 289 -12.62 -4.34 -34.23
CA LEU A 289 -12.98 -5.62 -34.83
C LEU A 289 -13.00 -5.54 -36.35
N ARG A 290 -13.53 -4.45 -36.94
CA ARG A 290 -13.54 -4.26 -38.38
C ARG A 290 -12.10 -4.18 -38.91
N ASP A 291 -11.24 -3.33 -38.30
CA ASP A 291 -9.81 -3.20 -38.64
C ASP A 291 -9.06 -4.55 -38.58
N LEU A 292 -9.29 -5.34 -37.51
CA LEU A 292 -8.67 -6.66 -37.32
C LEU A 292 -9.04 -7.68 -38.39
N THR A 293 -10.27 -7.60 -38.94
CA THR A 293 -10.73 -8.54 -39.96
C THR A 293 -10.20 -8.20 -41.36
N ARG A 294 -9.81 -6.93 -41.60
CA ARG A 294 -9.29 -6.49 -42.90
C ARG A 294 -7.88 -5.91 -42.79
N LEU B 5 11.02 1.35 39.31
CA LEU B 5 10.41 2.53 38.67
C LEU B 5 10.67 3.82 39.45
N SER B 6 11.38 4.77 38.82
CA SER B 6 11.81 6.03 39.41
C SER B 6 11.33 7.25 38.64
N PHE B 7 10.51 8.09 39.28
CA PHE B 7 9.95 9.34 38.76
C PHE B 7 9.48 10.23 39.90
N HIS B 8 9.50 11.55 39.71
CA HIS B 8 9.05 12.46 40.75
C HIS B 8 7.51 12.46 40.82
N ARG B 9 6.99 12.52 42.04
CA ARG B 9 5.57 12.65 42.24
C ARG B 9 5.32 14.12 42.37
N VAL B 10 4.40 14.63 41.55
CA VAL B 10 4.01 16.03 41.54
C VAL B 10 2.64 16.13 42.22
N ASP B 11 2.51 17.02 43.20
CA ASP B 11 1.25 17.22 43.90
C ASP B 11 0.33 18.06 43.00
N GLN B 12 -0.98 17.71 42.88
CA GLN B 12 -1.91 18.46 42.01
C GLN B 12 -2.02 19.95 42.39
N LYS B 13 -1.71 20.31 43.63
CA LYS B 13 -1.75 21.71 44.08
C LYS B 13 -0.69 22.57 43.35
N GLU B 14 0.39 21.94 42.88
CA GLU B 14 1.50 22.57 42.17
C GLU B 14 1.25 22.76 40.67
N ILE B 15 0.15 22.18 40.14
CA ILE B 15 -0.14 22.31 38.71
C ILE B 15 -1.43 23.05 38.45
N THR B 16 -1.47 23.78 37.32
CA THR B 16 -2.64 24.49 36.83
C THR B 16 -2.85 24.01 35.40
N GLN B 17 -4.07 23.56 35.10
CA GLN B 17 -4.37 23.06 33.77
C GLN B 17 -4.93 24.19 32.94
N LEU B 18 -4.34 24.43 31.76
CA LEU B 18 -4.83 25.46 30.86
C LEU B 18 -5.50 24.82 29.63
N SER B 19 -5.31 25.42 28.44
CA SER B 19 -6.00 25.05 27.20
C SER B 19 -5.67 23.71 26.64
N HIS B 20 -6.69 23.07 26.03
CA HIS B 20 -6.54 21.77 25.37
C HIS B 20 -5.71 21.99 24.08
N LEU B 21 -4.63 21.20 23.91
CA LEU B 21 -3.73 21.23 22.76
C LEU B 21 -4.12 20.18 21.73
N GLY B 22 -4.66 19.08 22.21
CA GLY B 22 -5.09 17.99 21.37
C GLY B 22 -5.09 16.68 22.10
N GLN B 23 -5.08 15.60 21.34
CA GLN B 23 -5.10 14.24 21.85
C GLN B 23 -3.87 13.44 21.41
N GLY B 24 -3.40 12.58 22.32
CA GLY B 24 -2.33 11.61 22.09
C GLY B 24 -2.92 10.20 22.20
N THR B 25 -2.08 9.15 22.36
CA THR B 25 -2.65 7.80 22.52
C THR B 25 -3.21 7.63 23.93
N ARG B 26 -4.54 7.64 24.05
CA ARG B 26 -5.33 7.52 25.29
C ARG B 26 -5.10 8.68 26.23
N THR B 27 -4.74 9.84 25.69
CA THR B 27 -4.48 11.03 26.49
C THR B 27 -5.16 12.24 25.91
N ASN B 28 -5.26 13.26 26.73
CA ASN B 28 -5.71 14.59 26.37
C ASN B 28 -4.56 15.45 26.80
N VAL B 29 -4.09 16.31 25.91
CA VAL B 29 -2.90 17.11 26.12
C VAL B 29 -3.31 18.57 26.36
N TYR B 30 -2.71 19.20 27.37
CA TYR B 30 -3.04 20.57 27.76
C TYR B 30 -1.80 21.37 28.01
N GLU B 31 -1.90 22.69 27.81
CA GLU B 31 -0.84 23.57 28.26
C GLU B 31 -1.10 23.67 29.75
N GLY B 32 -0.06 23.87 30.54
CA GLY B 32 -0.20 24.03 31.98
C GLY B 32 0.88 24.89 32.61
N ARG B 33 0.82 25.03 33.95
CA ARG B 33 1.83 25.70 34.75
C ARG B 33 2.22 24.78 35.89
N LEU B 34 3.53 24.73 36.19
CA LEU B 34 4.07 23.97 37.30
C LEU B 34 4.74 24.96 38.28
N ARG B 35 4.22 25.02 39.51
CA ARG B 35 4.74 25.85 40.62
C ARG B 35 6.06 25.21 41.06
N VAL B 36 7.09 26.03 41.18
CA VAL B 36 8.45 25.60 41.53
C VAL B 36 8.90 26.30 42.81
N GLU B 62 6.53 29.87 38.43
CA GLU B 62 5.61 29.19 37.52
C GLU B 62 6.32 28.83 36.22
N LEU B 63 6.44 27.54 35.93
CA LEU B 63 7.07 27.04 34.73
C LEU B 63 5.97 26.60 33.74
N ARG B 64 6.12 27.01 32.46
CA ARG B 64 5.20 26.66 31.39
C ARG B 64 5.45 25.21 31.10
N VAL B 65 4.39 24.36 31.13
CA VAL B 65 4.54 22.91 30.91
C VAL B 65 3.45 22.36 30.03
N VAL B 66 3.55 21.07 29.73
CA VAL B 66 2.54 20.32 28.98
C VAL B 66 2.04 19.23 29.94
N LEU B 67 0.71 19.07 30.05
CA LEU B 67 0.06 18.06 30.89
C LEU B 67 -0.56 17.00 30.02
N LYS B 68 -0.10 15.75 30.17
CA LYS B 68 -0.66 14.61 29.42
C LYS B 68 -1.56 13.85 30.36
N VAL B 69 -2.84 14.12 30.24
CA VAL B 69 -3.85 13.53 31.11
C VAL B 69 -4.27 12.18 30.53
N LEU B 70 -3.91 11.08 31.20
CA LEU B 70 -4.28 9.74 30.77
C LEU B 70 -5.75 9.51 30.99
N ASP B 71 -6.45 8.96 29.97
CA ASP B 71 -7.87 8.61 30.06
C ASP B 71 -8.10 7.61 31.22
N PRO B 72 -9.31 7.53 31.84
CA PRO B 72 -9.51 6.48 32.88
C PRO B 72 -9.24 5.14 32.20
N SER B 73 -8.30 4.38 32.76
CA SER B 73 -7.82 3.15 32.13
C SER B 73 -7.60 2.00 33.08
N HIS B 74 -7.41 0.80 32.51
CA HIS B 74 -7.05 -0.43 33.21
C HIS B 74 -5.65 -0.20 33.80
N HIS B 75 -5.31 -0.91 34.89
CA HIS B 75 -4.04 -0.77 35.60
C HIS B 75 -2.82 -0.95 34.71
N ASP B 76 -2.90 -1.90 33.75
CA ASP B 76 -1.83 -2.19 32.80
C ASP B 76 -1.43 -0.99 31.96
N ILE B 77 -2.41 -0.18 31.53
CA ILE B 77 -2.19 1.03 30.73
C ILE B 77 -1.52 2.09 31.62
N ALA B 78 -2.04 2.29 32.86
CA ALA B 78 -1.49 3.26 33.82
C ALA B 78 -0.07 2.87 34.21
N LEU B 79 0.23 1.56 34.32
CA LEU B 79 1.58 1.07 34.62
C LEU B 79 2.54 1.35 33.45
N ALA B 80 2.07 1.14 32.21
CA ALA B 80 2.82 1.43 30.98
C ALA B 80 3.10 2.95 30.87
N PHE B 81 2.18 3.78 31.34
CA PHE B 81 2.28 5.25 31.35
C PHE B 81 3.35 5.65 32.37
N TYR B 82 3.37 5.06 33.59
CA TYR B 82 4.40 5.36 34.60
C TYR B 82 5.79 4.94 34.14
N GLU B 83 5.90 3.77 33.46
CA GLU B 83 7.13 3.20 32.89
C GLU B 83 7.77 4.19 31.94
N THR B 84 6.97 4.88 31.09
CA THR B 84 7.49 5.91 30.20
C THR B 84 8.08 7.09 31.03
N ALA B 85 7.37 7.56 32.06
CA ALA B 85 7.85 8.63 32.93
C ALA B 85 9.14 8.18 33.63
N SER B 86 9.23 6.89 34.02
CA SER B 86 10.42 6.32 34.69
C SER B 86 11.63 6.28 33.72
N LEU B 87 11.40 5.84 32.47
CA LEU B 87 12.40 5.81 31.40
C LEU B 87 12.92 7.23 31.08
N MET B 88 12.02 8.18 30.96
CA MET B 88 12.36 9.56 30.63
C MET B 88 13.10 10.30 31.72
N SER B 89 12.98 9.83 32.97
CA SER B 89 13.59 10.45 34.13
C SER B 89 15.08 10.05 34.31
N GLN B 90 15.49 8.90 33.76
CA GLN B 90 16.87 8.41 33.82
C GLN B 90 17.77 8.90 32.64
N VAL B 91 17.17 9.58 31.65
CA VAL B 91 17.95 10.02 30.49
C VAL B 91 18.09 11.52 30.50
N SER B 92 19.08 12.02 29.79
CA SER B 92 19.33 13.43 29.54
C SER B 92 19.95 13.55 28.15
N HIS B 93 19.41 14.45 27.36
CA HIS B 93 19.92 14.72 26.03
C HIS B 93 19.40 16.08 25.62
N THR B 94 20.21 16.82 24.84
CA THR B 94 19.83 18.14 24.29
C THR B 94 18.54 18.04 23.43
N HIS B 95 18.30 16.88 22.74
CA HIS B 95 17.13 16.70 21.86
C HIS B 95 16.06 15.73 22.39
N LEU B 96 15.94 15.62 23.72
CA LEU B 96 14.91 14.81 24.40
C LEU B 96 14.16 15.77 25.32
N ALA B 97 12.82 15.88 25.12
CA ALA B 97 11.94 16.74 25.91
C ALA B 97 12.00 16.24 27.35
N PHE B 98 12.09 17.18 28.29
CA PHE B 98 12.18 16.87 29.72
C PHE B 98 10.84 16.40 30.30
N VAL B 99 10.87 15.46 31.26
CA VAL B 99 9.70 15.00 32.00
C VAL B 99 9.94 15.46 33.47
N HIS B 100 8.99 16.23 34.06
CA HIS B 100 9.12 16.73 35.44
C HIS B 100 8.61 15.75 36.47
N GLY B 101 7.76 14.84 36.05
CA GLY B 101 7.20 13.84 36.93
C GLY B 101 5.76 13.53 36.57
N VAL B 102 5.10 12.80 37.49
CA VAL B 102 3.71 12.34 37.37
C VAL B 102 2.90 12.90 38.51
N CYS B 103 1.73 13.41 38.15
CA CYS B 103 0.75 13.93 39.07
C CYS B 103 -0.50 13.04 39.07
N VAL B 104 -0.98 12.71 40.27
CA VAL B 104 -2.21 11.95 40.43
C VAL B 104 -3.24 12.98 40.94
N ARG B 105 -4.29 13.24 40.15
CA ARG B 105 -5.33 14.21 40.45
C ARG B 105 -6.63 13.42 40.41
N GLY B 106 -7.16 13.11 41.58
CA GLY B 106 -8.32 12.26 41.72
C GLY B 106 -8.01 10.91 41.09
N PRO B 107 -8.84 10.46 40.12
CA PRO B 107 -8.55 9.18 39.46
C PRO B 107 -7.66 9.30 38.20
N GLU B 108 -7.13 10.52 37.91
CA GLU B 108 -6.34 10.78 36.70
C GLU B 108 -4.83 10.77 36.85
N ASN B 109 -4.15 10.13 35.88
CA ASN B 109 -2.68 10.09 35.85
C ASN B 109 -2.23 11.15 34.87
N ILE B 110 -1.38 12.06 35.33
CA ILE B 110 -0.93 13.17 34.52
C ILE B 110 0.59 13.22 34.46
N MET B 111 1.15 13.12 33.26
CA MET B 111 2.58 13.27 33.11
C MET B 111 2.82 14.77 32.87
N VAL B 112 3.72 15.38 33.64
CA VAL B 112 4.04 16.81 33.50
C VAL B 112 5.33 16.87 32.66
N THR B 113 5.27 17.50 31.47
CA THR B 113 6.38 17.49 30.51
C THR B 113 6.75 18.87 30.00
N GLU B 114 7.90 18.98 29.35
CA GLU B 114 8.39 20.23 28.79
C GLU B 114 7.43 20.82 27.76
N TYR B 115 7.22 22.13 27.87
CA TYR B 115 6.47 22.84 26.86
C TYR B 115 7.55 23.30 25.84
N VAL B 116 7.42 22.88 24.58
CA VAL B 116 8.36 23.22 23.50
C VAL B 116 7.61 24.16 22.54
N GLU B 117 8.07 25.41 22.47
CA GLU B 117 7.47 26.57 21.86
C GLU B 117 6.59 26.39 20.59
N HIS B 118 7.15 25.90 19.48
CA HIS B 118 6.40 25.86 18.23
C HIS B 118 5.64 24.55 17.99
N GLY B 119 5.65 23.65 18.95
CA GLY B 119 4.84 22.43 18.92
C GLY B 119 5.24 21.32 17.97
N PRO B 120 4.33 20.32 17.71
CA PRO B 120 4.69 19.17 16.84
C PRO B 120 5.10 19.56 15.43
N LEU B 121 6.12 18.84 14.92
CA LEU B 121 6.74 19.11 13.62
C LEU B 121 5.83 18.78 12.46
N ASP B 122 5.06 17.67 12.52
CA ASP B 122 4.15 17.29 11.43
C ASP B 122 3.12 18.41 11.17
N VAL B 123 2.52 18.95 12.25
CA VAL B 123 1.53 20.03 12.18
C VAL B 123 2.18 21.29 11.57
N TRP B 124 3.38 21.65 12.06
CA TRP B 124 4.13 22.82 11.62
C TRP B 124 4.46 22.73 10.12
N LEU B 125 5.02 21.60 9.67
CA LEU B 125 5.36 21.41 8.26
C LEU B 125 4.15 21.52 7.33
N ARG B 126 2.98 20.98 7.73
CA ARG B 126 1.78 21.05 6.90
C ARG B 126 1.24 22.47 6.82
N ARG B 127 1.28 23.20 7.93
CA ARG B 127 0.79 24.58 8.00
C ARG B 127 1.76 25.57 7.34
N GLU B 128 3.06 25.33 7.47
CA GLU B 128 4.09 26.22 6.91
C GLU B 128 4.06 26.24 5.39
N ARG B 129 3.75 27.42 4.80
CA ARG B 129 3.63 27.63 3.35
C ARG B 129 4.84 27.14 2.56
N GLY B 130 4.55 26.28 1.57
CA GLY B 130 5.52 25.65 0.69
C GLY B 130 6.29 24.55 1.38
N HIS B 131 7.56 24.34 0.98
CA HIS B 131 8.44 23.36 1.60
C HIS B 131 9.61 24.10 2.27
N VAL B 132 10.21 23.47 3.28
CA VAL B 132 11.36 24.05 3.98
C VAL B 132 12.62 23.60 3.20
N PRO B 133 13.76 24.32 3.32
CA PRO B 133 14.97 23.88 2.58
C PRO B 133 15.46 22.48 2.97
N MET B 134 16.17 21.82 2.06
CA MET B 134 16.81 20.50 2.24
C MET B 134 17.83 20.56 3.41
N ALA B 135 18.57 21.68 3.54
CA ALA B 135 19.56 21.89 4.59
C ALA B 135 18.93 21.96 5.98
N TRP B 136 17.72 22.55 6.09
CA TRP B 136 16.94 22.67 7.33
C TRP B 136 16.48 21.26 7.72
N LYS B 137 15.97 20.48 6.75
CA LYS B 137 15.49 19.11 6.99
C LYS B 137 16.62 18.19 7.48
N MET B 138 17.85 18.36 6.93
CA MET B 138 19.04 17.61 7.31
C MET B 138 19.48 17.89 8.73
N VAL B 139 19.37 19.16 9.21
CA VAL B 139 19.70 19.53 10.60
C VAL B 139 18.75 18.79 11.58
N VAL B 140 17.43 18.88 11.33
CA VAL B 140 16.38 18.19 12.12
C VAL B 140 16.64 16.69 12.14
N ALA B 141 17.03 16.11 10.98
CA ALA B 141 17.33 14.68 10.83
C ALA B 141 18.54 14.29 11.69
N GLN B 142 19.62 15.10 11.64
CA GLN B 142 20.84 14.89 12.44
C GLN B 142 20.56 14.95 13.94
N GLN B 143 19.75 15.96 14.36
CA GLN B 143 19.37 16.17 15.76
C GLN B 143 18.58 14.99 16.30
N LEU B 144 17.63 14.49 15.50
CA LEU B 144 16.82 13.32 15.85
C LEU B 144 17.72 12.08 15.93
N ALA B 145 18.62 11.88 14.94
CA ALA B 145 19.59 10.76 14.87
C ALA B 145 20.60 10.76 16.05
N SER B 146 20.97 11.95 16.51
CA SER B 146 21.85 12.13 17.66
C SER B 146 21.10 11.64 18.95
N ALA B 147 19.82 12.03 19.13
CA ALA B 147 19.02 11.58 20.27
C ALA B 147 18.84 10.07 20.25
N LEU B 148 18.50 9.48 19.08
CA LEU B 148 18.31 8.04 18.96
C LEU B 148 19.61 7.26 19.12
N SER B 149 20.76 7.83 18.70
CA SER B 149 22.09 7.23 18.89
C SER B 149 22.38 7.08 20.40
N TYR B 150 22.07 8.11 21.19
CA TYR B 150 22.20 8.13 22.65
C TYR B 150 21.31 7.03 23.31
N LEU B 151 20.06 6.87 22.85
CA LEU B 151 19.19 5.82 23.42
C LEU B 151 19.67 4.43 23.02
N GLU B 152 20.19 4.28 21.79
CA GLU B 152 20.77 3.03 21.29
C GLU B 152 21.93 2.57 22.23
N ASN B 153 22.82 3.52 22.62
CA ASN B 153 23.99 3.26 23.49
C ASN B 153 23.64 2.89 24.91
N LYS B 154 22.49 3.39 25.38
CA LYS B 154 21.95 3.12 26.70
C LYS B 154 21.04 1.86 26.67
N ASN B 155 20.83 1.28 25.46
CA ASN B 155 19.94 0.14 25.16
C ASN B 155 18.52 0.47 25.61
N LEU B 156 18.02 1.64 25.20
CA LEU B 156 16.69 2.10 25.61
C LEU B 156 15.78 2.29 24.42
N VAL B 157 14.60 1.68 24.43
CA VAL B 157 13.65 1.78 23.32
C VAL B 157 12.73 3.02 23.51
N HIS B 158 12.56 3.84 22.45
CA HIS B 158 11.61 4.97 22.49
C HIS B 158 10.28 4.32 22.09
N GLY B 159 10.22 3.77 20.88
CA GLY B 159 9.04 3.03 20.40
C GLY B 159 7.92 3.86 19.84
N ASN B 160 8.10 5.19 19.74
CA ASN B 160 7.06 6.06 19.18
C ASN B 160 7.68 7.24 18.40
N VAL B 161 8.63 6.91 17.51
CA VAL B 161 9.33 7.90 16.71
C VAL B 161 8.42 8.30 15.54
N CYS B 162 8.02 9.59 15.54
CA CYS B 162 7.13 10.15 14.52
C CYS B 162 7.18 11.69 14.56
N GLY B 163 6.74 12.34 13.48
CA GLY B 163 6.72 13.80 13.32
C GLY B 163 5.92 14.51 14.40
N ARG B 164 4.80 13.89 14.83
CA ARG B 164 3.95 14.33 15.95
C ARG B 164 4.76 14.36 17.26
N ASN B 165 5.74 13.44 17.41
CA ASN B 165 6.56 13.43 18.63
C ASN B 165 7.81 14.28 18.56
N ILE B 166 8.05 14.95 17.40
CA ILE B 166 9.20 15.83 17.26
C ILE B 166 8.66 17.25 17.53
N LEU B 167 9.23 17.94 18.49
CA LEU B 167 8.74 19.29 18.83
C LEU B 167 9.69 20.35 18.43
N LEU B 168 9.18 21.45 17.87
CA LEU B 168 10.00 22.55 17.41
C LEU B 168 10.30 23.62 18.48
N ALA B 169 11.52 23.67 18.98
CA ALA B 169 11.90 24.68 19.99
C ALA B 169 12.29 26.03 19.33
N ARG B 170 12.98 25.96 18.17
CA ARG B 170 13.42 27.13 17.38
C ARG B 170 13.14 26.85 15.92
N LEU B 171 12.54 27.84 15.23
CA LEU B 171 12.18 27.75 13.81
C LEU B 171 13.38 27.61 12.85
N GLY B 172 14.45 28.37 13.09
CA GLY B 172 15.66 28.33 12.26
C GLY B 172 15.50 28.62 10.79
N LEU B 173 14.65 29.61 10.45
CA LEU B 173 14.36 30.03 9.07
C LEU B 173 15.07 31.33 8.72
N ALA B 174 15.30 32.21 9.71
CA ALA B 174 16.00 33.48 9.52
C ALA B 174 17.50 33.23 9.24
N GLU B 175 18.17 34.16 8.50
CA GLU B 175 19.59 34.08 8.15
C GLU B 175 20.47 33.90 9.40
N GLY B 176 21.41 32.94 9.31
CA GLY B 176 22.33 32.63 10.40
C GLY B 176 21.79 31.63 11.42
N THR B 177 20.45 31.49 11.52
CA THR B 177 19.83 30.57 12.50
C THR B 177 19.65 29.15 11.94
N SER B 178 19.45 28.18 12.84
CA SER B 178 19.23 26.79 12.50
C SER B 178 18.12 26.21 13.38
N PRO B 179 17.32 25.25 12.89
CA PRO B 179 16.26 24.67 13.74
C PRO B 179 16.77 23.92 14.96
N PHE B 180 15.90 23.74 15.95
CA PHE B 180 16.20 23.02 17.18
C PHE B 180 15.00 22.20 17.57
N ILE B 181 15.15 20.88 17.55
CA ILE B 181 14.02 20.01 17.89
C ILE B 181 14.18 19.31 19.23
N LYS B 182 13.10 18.78 19.78
CA LYS B 182 13.11 17.94 20.99
C LYS B 182 12.22 16.74 20.75
N LEU B 183 12.75 15.53 20.92
CA LEU B 183 11.96 14.30 20.78
C LEU B 183 11.19 14.13 22.10
N SER B 184 9.84 14.15 22.03
CA SER B 184 9.01 14.00 23.21
C SER B 184 8.99 12.53 23.68
N ASP B 185 8.53 12.31 24.92
CA ASP B 185 8.39 10.99 25.52
C ASP B 185 7.49 10.09 24.63
N PRO B 186 7.67 8.77 24.65
CA PRO B 186 6.82 7.92 23.78
C PRO B 186 5.34 7.76 24.16
N GLY B 187 4.94 8.26 25.33
CA GLY B 187 3.57 8.12 25.84
C GLY B 187 3.34 6.71 26.34
N VAL B 188 2.09 6.23 26.35
CA VAL B 188 1.83 4.85 26.79
C VAL B 188 2.64 3.88 25.90
N GLY B 189 3.49 3.08 26.53
CA GLY B 189 4.34 2.11 25.85
C GLY B 189 3.60 1.19 24.88
N LEU B 190 4.25 0.90 23.75
CA LEU B 190 3.75 0.08 22.64
C LEU B 190 3.25 -1.30 23.06
N GLY B 191 3.94 -1.92 24.01
CA GLY B 191 3.58 -3.24 24.52
C GLY B 191 2.21 -3.32 25.18
N ALA B 192 1.65 -2.18 25.62
CA ALA B 192 0.33 -2.13 26.24
C ALA B 192 -0.82 -1.78 25.29
N LEU B 193 -0.52 -1.38 24.04
CA LEU B 193 -1.56 -0.94 23.11
C LEU B 193 -2.27 -2.10 22.39
N SER B 194 -3.48 -1.84 21.87
CA SER B 194 -4.26 -2.84 21.13
C SER B 194 -3.71 -2.97 19.70
N ARG B 195 -4.09 -4.06 18.99
CA ARG B 195 -3.67 -4.29 17.60
C ARG B 195 -4.14 -3.12 16.71
N GLU B 196 -5.38 -2.64 16.93
CA GLU B 196 -6.00 -1.52 16.22
C GLU B 196 -5.18 -0.20 16.38
N GLU B 197 -4.52 0.05 17.55
CA GLU B 197 -3.69 1.25 17.75
C GLU B 197 -2.33 1.07 17.05
N ARG B 198 -1.82 -0.18 16.98
CA ARG B 198 -0.55 -0.49 16.31
C ARG B 198 -0.70 -0.27 14.79
N VAL B 199 -1.86 -0.69 14.23
CA VAL B 199 -2.21 -0.53 12.80
C VAL B 199 -2.31 0.96 12.45
N GLU B 200 -2.93 1.78 13.33
CA GLU B 200 -3.05 3.23 13.12
C GLU B 200 -1.66 3.89 13.10
N ARG B 201 -0.68 3.25 13.78
CA ARG B 201 0.71 3.69 13.87
C ARG B 201 1.55 3.38 12.59
N ILE B 202 1.03 2.65 11.60
CA ILE B 202 1.70 2.35 10.31
C ILE B 202 1.73 3.65 9.45
N PRO B 203 2.84 4.04 8.76
CA PRO B 203 4.12 3.33 8.57
C PRO B 203 5.22 3.62 9.61
N TRP B 204 4.95 4.35 10.72
CA TRP B 204 5.99 4.59 11.73
C TRP B 204 6.32 3.33 12.56
N LEU B 205 5.29 2.51 12.82
CA LEU B 205 5.44 1.27 13.55
C LEU B 205 6.30 0.28 12.76
N ALA B 206 7.34 -0.31 13.39
CA ALA B 206 8.16 -1.32 12.69
C ALA B 206 7.28 -2.59 12.40
N PRO B 207 7.43 -3.29 11.25
CA PRO B 207 6.55 -4.45 10.97
C PRO B 207 6.66 -5.66 11.91
N GLU B 208 7.80 -5.86 12.60
CA GLU B 208 7.99 -6.96 13.58
C GLU B 208 7.14 -6.71 14.86
N CYS B 209 6.70 -5.46 15.09
CA CYS B 209 5.91 -5.01 16.23
C CYS B 209 4.41 -5.18 16.04
N LEU B 210 3.95 -5.42 14.81
CA LEU B 210 2.53 -5.59 14.50
C LEU B 210 1.88 -6.82 15.21
N PRO B 211 2.51 -8.03 15.30
CA PRO B 211 1.84 -9.16 15.99
C PRO B 211 1.73 -9.05 17.51
N SER B 216 9.63 -7.99 18.58
CA SER B 216 9.75 -7.73 20.02
C SER B 216 10.26 -6.29 20.30
N LEU B 217 10.42 -5.93 21.61
CA LEU B 217 10.87 -4.59 22.04
C LEU B 217 12.39 -4.41 21.97
N SER B 218 12.90 -4.23 20.74
CA SER B 218 14.31 -4.02 20.45
C SER B 218 14.52 -2.59 19.98
N THR B 219 15.76 -2.06 20.08
CA THR B 219 16.08 -0.71 19.62
C THR B 219 15.99 -0.66 18.06
N ALA B 220 15.99 -1.85 17.39
CA ALA B 220 15.87 -1.99 15.93
C ALA B 220 14.61 -1.29 15.40
N MET B 221 13.51 -1.34 16.20
CA MET B 221 12.24 -0.69 15.87
C MET B 221 12.38 0.83 15.67
N ASP B 222 13.28 1.50 16.45
CA ASP B 222 13.47 2.95 16.32
C ASP B 222 14.22 3.32 15.03
N LYS B 223 14.96 2.38 14.40
CA LYS B 223 15.60 2.68 13.11
C LYS B 223 14.51 2.75 12.03
N TRP B 224 13.44 1.92 12.17
CA TRP B 224 12.32 1.96 11.24
C TRP B 224 11.50 3.25 11.46
N GLY B 225 11.19 3.58 12.72
CA GLY B 225 10.48 4.79 13.09
C GLY B 225 11.17 6.03 12.55
N PHE B 226 12.52 6.10 12.67
CA PHE B 226 13.36 7.21 12.18
C PHE B 226 13.24 7.34 10.64
N GLY B 227 13.32 6.21 9.94
CA GLY B 227 13.24 6.12 8.49
C GLY B 227 11.91 6.65 8.02
N ALA B 228 10.79 6.21 8.67
CA ALA B 228 9.43 6.68 8.37
C ALA B 228 9.26 8.18 8.70
N THR B 229 9.93 8.66 9.73
CA THR B 229 9.87 10.07 10.15
C THR B 229 10.61 10.96 9.13
N LEU B 230 11.75 10.46 8.61
CA LEU B 230 12.54 11.14 7.58
C LEU B 230 11.69 11.37 6.31
N LEU B 231 10.97 10.32 5.85
CA LEU B 231 10.06 10.43 4.70
C LEU B 231 8.97 11.46 4.99
N GLU B 232 8.36 11.38 6.18
CA GLU B 232 7.32 12.28 6.63
C GLU B 232 7.80 13.75 6.56
N ILE B 233 9.04 14.02 6.99
CA ILE B 233 9.69 15.35 6.94
C ILE B 233 9.96 15.73 5.46
N CYS B 234 10.49 14.79 4.65
CA CYS B 234 10.75 14.97 3.20
C CYS B 234 9.48 15.36 2.46
N PHE B 235 8.34 14.77 2.86
CA PHE B 235 7.07 15.00 2.20
C PHE B 235 6.20 16.07 2.91
N ASP B 236 6.86 17.03 3.60
CA ASP B 236 6.25 18.20 4.27
C ASP B 236 5.13 17.89 5.29
N GLY B 237 5.35 16.91 6.15
CA GLY B 237 4.34 16.57 7.16
C GLY B 237 3.30 15.57 6.72
N GLU B 238 3.37 15.10 5.44
CA GLU B 238 2.44 14.10 4.89
C GLU B 238 3.18 12.74 4.87
N ALA B 239 2.94 11.91 5.85
CA ALA B 239 3.60 10.61 5.88
C ALA B 239 3.00 9.63 4.85
N PRO B 240 3.80 8.75 4.20
CA PRO B 240 3.22 7.75 3.27
C PRO B 240 2.09 6.93 3.91
N LEU B 241 1.12 6.45 3.10
CA LEU B 241 -0.02 5.58 3.51
C LEU B 241 -1.11 6.28 4.38
N GLN B 242 -0.97 7.60 4.60
CA GLN B 242 -1.83 8.43 5.46
C GLN B 242 -3.33 8.44 5.10
N SER B 243 -3.66 8.51 3.81
CA SER B 243 -5.02 8.57 3.28
C SER B 243 -5.67 7.18 3.05
N ARG B 244 -5.03 6.11 3.58
CA ARG B 244 -5.51 4.73 3.45
C ARG B 244 -6.17 4.21 4.74
N SER B 245 -7.06 3.23 4.59
CA SER B 245 -7.81 2.57 5.65
C SER B 245 -6.90 1.69 6.53
N PRO B 246 -7.33 1.33 7.78
CA PRO B 246 -6.53 0.42 8.62
C PRO B 246 -6.23 -0.91 7.93
N SER B 247 -7.23 -1.56 7.29
CA SER B 247 -6.99 -2.85 6.62
C SER B 247 -5.99 -2.73 5.45
N GLU B 248 -6.04 -1.62 4.70
CA GLU B 248 -5.10 -1.37 3.62
C GLU B 248 -3.70 -1.05 4.15
N LYS B 249 -3.59 -0.48 5.37
CA LYS B 249 -2.26 -0.22 5.96
C LYS B 249 -1.60 -1.58 6.33
N GLU B 250 -2.38 -2.49 6.93
CA GLU B 250 -1.92 -3.81 7.34
C GLU B 250 -1.58 -4.67 6.11
N HIS B 251 -2.39 -4.57 5.03
CA HIS B 251 -2.14 -5.27 3.77
C HIS B 251 -0.77 -4.95 3.17
N PHE B 252 -0.36 -3.69 3.24
CA PHE B 252 0.91 -3.19 2.76
C PHE B 252 2.13 -3.88 3.45
N TYR B 253 2.11 -3.99 4.80
CA TYR B 253 3.15 -4.66 5.60
C TYR B 253 3.09 -6.19 5.34
N GLN B 254 1.88 -6.74 5.16
CA GLN B 254 1.61 -8.16 4.89
C GLN B 254 2.23 -8.58 3.55
N ARG B 255 2.13 -7.71 2.52
CA ARG B 255 2.74 -7.92 1.20
C ARG B 255 4.21 -7.51 1.20
N GLN B 256 4.67 -6.88 2.30
CA GLN B 256 6.04 -6.39 2.48
C GLN B 256 6.42 -5.40 1.36
N HIS B 257 5.47 -4.49 1.01
CA HIS B 257 5.69 -3.51 -0.03
C HIS B 257 6.71 -2.47 0.47
N ARG B 258 7.57 -2.01 -0.42
CA ARG B 258 8.57 -1.04 -0.04
C ARG B 258 7.97 0.36 0.05
N LEU B 259 8.29 1.11 1.09
CA LEU B 259 7.80 2.49 1.27
C LEU B 259 8.42 3.44 0.26
N PRO B 260 7.76 4.57 -0.11
CA PRO B 260 8.38 5.47 -1.12
C PRO B 260 9.76 5.98 -0.70
N GLU B 261 10.58 6.32 -1.69
CA GLU B 261 11.92 6.84 -1.43
C GLU B 261 11.99 8.33 -1.75
N PRO B 262 12.82 9.14 -1.06
CA PRO B 262 12.95 10.56 -1.46
C PRO B 262 13.70 10.66 -2.80
N SER B 263 13.66 11.83 -3.45
CA SER B 263 14.31 12.00 -4.75
C SER B 263 15.84 11.95 -4.68
N CYS B 264 16.45 12.45 -3.60
CA CYS B 264 17.90 12.45 -3.37
C CYS B 264 18.43 11.01 -3.23
N PRO B 265 19.30 10.51 -4.17
CA PRO B 265 19.74 9.10 -4.09
C PRO B 265 20.46 8.73 -2.79
N GLN B 266 21.23 9.69 -2.22
CA GLN B 266 21.99 9.51 -0.99
C GLN B 266 21.06 9.29 0.20
N LEU B 267 19.99 10.10 0.28
CA LEU B 267 18.92 9.99 1.27
C LEU B 267 18.08 8.73 1.03
N ALA B 268 17.82 8.42 -0.25
CA ALA B 268 17.07 7.23 -0.65
C ALA B 268 17.71 5.96 -0.14
N THR B 269 19.05 5.84 -0.28
CA THR B 269 19.81 4.70 0.23
C THR B 269 19.58 4.54 1.74
N LEU B 270 19.72 5.63 2.52
CA LEU B 270 19.53 5.62 3.97
C LEU B 270 18.12 5.23 4.40
N THR B 271 17.07 5.92 3.88
CA THR B 271 15.68 5.63 4.27
C THR B 271 15.31 4.18 3.92
N SER B 272 15.72 3.68 2.74
CA SER B 272 15.43 2.29 2.35
C SER B 272 16.17 1.31 3.27
N GLN B 273 17.42 1.64 3.70
CA GLN B 273 18.22 0.83 4.64
C GLN B 273 17.51 0.74 6.01
N CYS B 274 16.96 1.87 6.50
CA CYS B 274 16.20 1.96 7.76
C CYS B 274 14.87 1.22 7.66
N LEU B 275 14.20 1.39 6.51
CA LEU B 275 12.89 0.82 6.23
C LEU B 275 13.00 -0.56 5.56
N THR B 276 13.89 -1.39 6.13
CA THR B 276 14.14 -2.77 5.71
C THR B 276 13.30 -3.64 6.66
N TYR B 277 12.58 -4.62 6.08
CA TYR B 277 11.67 -5.49 6.83
C TYR B 277 12.40 -6.34 7.89
N GLU B 278 13.60 -6.85 7.56
CA GLU B 278 14.44 -7.62 8.48
C GLU B 278 15.13 -6.65 9.46
N PRO B 279 14.76 -6.67 10.78
CA PRO B 279 15.35 -5.68 11.72
C PRO B 279 16.86 -5.70 11.89
N THR B 280 17.50 -6.89 11.74
CA THR B 280 18.96 -7.03 11.87
C THR B 280 19.74 -6.42 10.67
N GLN B 281 19.03 -6.05 9.59
CA GLN B 281 19.64 -5.46 8.40
C GLN B 281 19.57 -3.91 8.42
N ARG B 282 19.03 -3.34 9.50
CA ARG B 282 18.93 -1.89 9.61
C ARG B 282 20.24 -1.32 10.15
N PRO B 283 20.72 -0.16 9.66
CA PRO B 283 22.01 0.36 10.14
C PRO B 283 21.94 0.88 11.55
N SER B 284 23.07 0.88 12.27
CA SER B 284 23.15 1.45 13.62
C SER B 284 22.99 2.99 13.51
N PHE B 285 22.64 3.66 14.61
CA PHE B 285 22.47 5.12 14.58
C PHE B 285 23.80 5.84 14.43
N ARG B 286 24.93 5.15 14.72
CA ARG B 286 26.29 5.66 14.53
C ARG B 286 26.50 5.82 13.03
N THR B 287 26.12 4.80 12.23
CA THR B 287 26.20 4.82 10.76
C THR B 287 25.25 5.87 10.17
N ILE B 288 23.97 5.85 10.59
CA ILE B 288 22.93 6.77 10.13
C ILE B 288 23.42 8.22 10.34
N LEU B 289 23.89 8.53 11.57
CA LEU B 289 24.38 9.87 11.89
C LEU B 289 25.59 10.25 11.04
N ARG B 290 26.53 9.30 10.81
CA ARG B 290 27.69 9.54 9.97
C ARG B 290 27.24 9.83 8.53
N ASP B 291 26.36 8.99 7.95
CA ASP B 291 25.79 9.16 6.61
C ASP B 291 25.09 10.53 6.46
N LEU B 292 24.27 10.94 7.46
CA LEU B 292 23.55 12.21 7.45
C LEU B 292 24.46 13.44 7.44
N THR B 293 25.65 13.34 8.08
CA THR B 293 26.58 14.47 8.15
C THR B 293 27.41 14.63 6.86
N ARG B 294 27.56 13.55 6.08
CA ARG B 294 28.32 13.58 4.82
C ARG B 294 27.48 13.21 3.60
#